data_6KEQ
#
_entry.id   6KEQ
#
_cell.length_a   58.717
_cell.length_b   75.476
_cell.length_c   107.114
_cell.angle_alpha   90.000
_cell.angle_beta   90.000
_cell.angle_gamma   90.000
#
_symmetry.space_group_name_H-M   'P 21 21 21'
#
loop_
_entity.id
_entity.type
_entity.pdbx_description
1 polymer 'Glutathione S-transferase E14'
2 water water
#
_entity_poly.entity_id   1
_entity_poly.type   'polypeptide(L)'
_entity_poly.pdbx_seq_one_letter_code
;MNHKVHMMSQPKPILYYDERSPPVRSCLMLIKLLDIDVELRFVNLFKGEQFQKDFLALNPQHSVPTLVHGDLVLTDSHAI
LIHLAEKFDEGGSLWPQEHAERMKVLNLLLFECSFLFRRASDFMSAIVRQGFANVDVAHHERKLTEAYIIMERYLENSDF
MAGPQLTLADLSIVTTLSTVNLMFPLSQFPRLRRWFTAMQQLDAYEANCSGLEKLRQTMESVGSFQFPSSSAVVTEKVE
;
_entity_poly.pdbx_strand_id   AA,BA
#
# COMPACT_ATOMS: atom_id res chain seq x y z
N PRO A 11 -22.08 18.04 -2.61
CA PRO A 11 -22.05 18.01 -1.14
C PRO A 11 -20.63 18.16 -0.59
N LYS A 12 -20.51 18.45 0.70
CA LYS A 12 -19.17 18.64 1.24
C LYS A 12 -18.58 17.29 1.69
N PRO A 13 -17.27 17.10 1.53
CA PRO A 13 -16.67 15.83 1.93
C PRO A 13 -16.76 15.61 3.43
N ILE A 14 -17.00 14.36 3.82
CA ILE A 14 -16.99 13.93 5.21
C ILE A 14 -15.73 13.08 5.42
N LEU A 15 -14.91 13.45 6.39
CA LEU A 15 -13.68 12.71 6.71
C LEU A 15 -13.82 12.08 8.08
N TYR A 16 -13.92 10.75 8.12
CA TYR A 16 -13.84 10.00 9.36
C TYR A 16 -12.37 9.85 9.75
N TYR A 17 -12.03 10.28 10.96
CA TYR A 17 -10.62 10.50 11.26
C TYR A 17 -10.30 10.18 12.70
N ASP A 18 -9.04 9.80 12.92
CA ASP A 18 -8.37 9.86 14.21
C ASP A 18 -7.02 10.48 13.92
N GLU A 19 -6.74 11.64 14.53
CA GLU A 19 -5.54 12.38 14.16
C GLU A 19 -4.27 11.65 14.60
N ARG A 20 -4.37 10.62 15.42
CA ARG A 20 -3.16 9.87 15.77
C ARG A 20 -2.64 9.05 14.59
N SER A 21 -3.52 8.67 13.67
CA SER A 21 -3.13 7.99 12.43
C SER A 21 -2.30 8.91 11.54
N PRO A 22 -1.11 8.47 11.12
CA PRO A 22 -0.34 9.28 10.17
C PRO A 22 -1.08 9.44 8.86
N PRO A 23 -1.67 8.38 8.27
CA PRO A 23 -2.45 8.61 7.03
C PRO A 23 -3.55 9.63 7.18
N VAL A 24 -4.18 9.72 8.36
CA VAL A 24 -5.18 10.77 8.60
C VAL A 24 -4.52 12.13 8.54
N ARG A 25 -3.39 12.29 9.22
CA ARG A 25 -2.70 13.57 9.22
C ARG A 25 -2.26 13.98 7.82
N SER A 26 -1.98 13.00 6.95
CA SER A 26 -1.63 13.35 5.57
C SER A 26 -2.80 14.03 4.86
N CYS A 27 -4.01 13.52 5.07
CA CYS A 27 -5.20 14.14 4.50
C CYS A 27 -5.48 15.49 5.15
N LEU A 28 -5.30 15.57 6.47
CA LEU A 28 -5.49 16.84 7.18
C LEU A 28 -4.55 17.92 6.65
N MET A 29 -3.32 17.53 6.31
CA MET A 29 -2.38 18.51 5.75
C MET A 29 -2.85 19.00 4.38
N LEU A 30 -3.30 18.09 3.52
CA LEU A 30 -3.77 18.50 2.19
C LEU A 30 -4.97 19.41 2.30
N ILE A 31 -5.89 19.11 3.22
CA ILE A 31 -7.08 19.94 3.42
C ILE A 31 -6.68 21.34 3.86
N LYS A 32 -5.70 21.46 4.76
CA LYS A 32 -5.27 22.78 5.17
C LYS A 32 -4.51 23.50 4.06
N LEU A 33 -3.68 22.76 3.32
CA LEU A 33 -2.92 23.37 2.24
C LEU A 33 -3.84 23.96 1.18
N LEU A 34 -4.96 23.29 0.90
CA LEU A 34 -5.88 23.68 -0.15
C LEU A 34 -7.09 24.45 0.36
N ASP A 35 -7.21 24.64 1.67
CA ASP A 35 -8.34 25.36 2.28
C ASP A 35 -9.66 24.70 1.90
N ILE A 36 -9.71 23.38 1.95
CA ILE A 36 -10.92 22.63 1.66
C ILE A 36 -11.80 22.63 2.90
N ASP A 37 -13.09 22.91 2.72
CA ASP A 37 -14.07 22.80 3.79
C ASP A 37 -14.55 21.35 3.87
N VAL A 38 -14.30 20.71 5.01
CA VAL A 38 -14.62 19.30 5.21
C VAL A 38 -15.27 19.16 6.59
N GLU A 39 -16.20 18.22 6.70
CA GLU A 39 -16.78 17.87 7.99
C GLU A 39 -15.98 16.74 8.62
N LEU A 40 -15.39 17.01 9.79
CA LEU A 40 -14.59 16.01 10.50
C LEU A 40 -15.50 15.20 11.43
N ARG A 41 -15.41 13.88 11.33
CA ARG A 41 -16.15 12.97 12.20
C ARG A 41 -15.14 12.03 12.88
N PHE A 42 -15.02 12.15 14.20
CA PHE A 42 -13.97 11.47 14.95
C PHE A 42 -14.33 10.00 15.18
N VAL A 43 -13.37 9.13 14.92
CA VAL A 43 -13.46 7.70 15.23
C VAL A 43 -12.23 7.33 16.06
N ASN A 44 -12.45 6.95 17.32
CA ASN A 44 -11.35 6.68 18.26
C ASN A 44 -10.81 5.28 18.01
N LEU A 45 -9.61 5.20 17.41
CA LEU A 45 -9.04 3.92 17.04
C LEU A 45 -8.69 3.08 18.26
N PHE A 46 -8.17 3.71 19.32
CA PHE A 46 -7.74 2.95 20.48
C PHE A 46 -8.90 2.52 21.36
N LYS A 47 -10.02 3.24 21.33
CA LYS A 47 -11.22 2.76 22.02
C LYS A 47 -12.02 1.77 21.19
N GLY A 48 -11.61 1.51 19.95
CA GLY A 48 -12.28 0.52 19.13
C GLY A 48 -13.55 0.98 18.46
N GLU A 49 -13.76 2.30 18.31
CA GLU A 49 -14.98 2.78 17.66
C GLU A 49 -15.03 2.43 16.18
N GLN A 50 -13.91 2.01 15.58
CA GLN A 50 -13.91 1.60 14.18
C GLN A 50 -14.64 0.28 13.97
N PHE A 51 -14.93 -0.47 15.03
CA PHE A 51 -15.67 -1.72 14.91
C PHE A 51 -17.15 -1.56 15.20
N GLN A 52 -17.62 -0.33 15.45
CA GLN A 52 -19.05 -0.09 15.59
C GLN A 52 -19.78 -0.57 14.34
N LYS A 53 -21.06 -0.92 14.51
CA LYS A 53 -21.82 -1.52 13.41
C LYS A 53 -21.92 -0.57 12.23
N ASP A 54 -22.26 0.70 12.49
CA ASP A 54 -22.47 1.66 11.40
C ASP A 54 -21.19 1.93 10.63
N PHE A 55 -20.07 2.09 11.32
CA PHE A 55 -18.82 2.36 10.62
C PHE A 55 -18.33 1.12 9.86
N LEU A 56 -18.48 -0.06 10.46
CA LEU A 56 -18.09 -1.29 9.77
C LEU A 56 -18.87 -1.46 8.47
N ALA A 57 -20.16 -1.10 8.48
CA ALA A 57 -20.95 -1.21 7.26
C ALA A 57 -20.46 -0.25 6.19
N LEU A 58 -20.00 0.93 6.61
CA LEU A 58 -19.47 1.90 5.66
C LEU A 58 -18.09 1.46 5.17
N ASN A 59 -17.24 0.96 6.07
CA ASN A 59 -15.87 0.57 5.72
C ASN A 59 -15.55 -0.73 6.43
N PRO A 60 -15.78 -1.88 5.78
CA PRO A 60 -15.47 -3.18 6.40
C PRO A 60 -13.99 -3.38 6.70
N GLN A 61 -13.08 -2.53 6.20
CA GLN A 61 -11.68 -2.60 6.59
C GLN A 61 -11.43 -1.92 7.94
N HIS A 62 -12.46 -1.29 8.52
CA HIS A 62 -12.43 -0.63 9.83
C HIS A 62 -11.16 0.19 10.03
N SER A 63 -10.94 1.11 9.09
CA SER A 63 -9.73 1.93 9.06
C SER A 63 -10.07 3.39 8.84
N VAL A 64 -9.22 4.28 9.36
CA VAL A 64 -9.30 5.69 9.05
C VAL A 64 -7.99 6.09 8.41
N PRO A 65 -7.97 7.06 7.47
CA PRO A 65 -9.10 7.89 7.05
C PRO A 65 -10.10 7.20 6.14
N THR A 66 -11.37 7.54 6.31
CA THR A 66 -12.43 7.17 5.38
C THR A 66 -13.10 8.45 4.92
N LEU A 67 -13.18 8.63 3.60
CA LEU A 67 -13.81 9.81 3.03
C LEU A 67 -15.16 9.43 2.42
N VAL A 68 -16.16 10.26 2.69
CA VAL A 68 -17.44 10.21 2.00
C VAL A 68 -17.62 11.56 1.35
N HIS A 69 -17.61 11.58 0.02
CA HIS A 69 -17.82 12.81 -0.76
C HIS A 69 -18.92 12.53 -1.77
N GLY A 70 -20.13 12.96 -1.46
CA GLY A 70 -21.29 12.61 -2.24
C GLY A 70 -21.61 11.14 -2.09
N ASP A 71 -21.60 10.40 -3.20
CA ASP A 71 -21.79 8.97 -3.19
C ASP A 71 -20.48 8.19 -3.14
N LEU A 72 -19.35 8.88 -3.18
CA LEU A 72 -18.04 8.22 -3.23
C LEU A 72 -17.57 7.94 -1.80
N VAL A 73 -17.11 6.70 -1.57
CA VAL A 73 -16.59 6.28 -0.27
C VAL A 73 -15.19 5.73 -0.48
N LEU A 74 -14.18 6.48 -0.01
CA LEU A 74 -12.78 6.08 -0.14
C LEU A 74 -12.28 5.57 1.20
N THR A 75 -11.60 4.42 1.19
CA THR A 75 -11.17 3.77 2.41
C THR A 75 -9.65 3.63 2.50
N ASP A 76 -8.92 4.43 1.73
CA ASP A 76 -7.47 4.45 1.79
C ASP A 76 -7.00 5.89 1.63
N SER A 77 -6.03 6.28 2.47
CA SER A 77 -5.55 7.66 2.45
C SER A 77 -5.01 8.06 1.08
N HIS A 78 -4.38 7.14 0.37
CA HIS A 78 -3.75 7.53 -0.89
C HIS A 78 -4.78 7.82 -1.97
N ALA A 79 -5.88 7.08 -1.98
CA ALA A 79 -6.98 7.45 -2.87
C ALA A 79 -7.60 8.78 -2.47
N ILE A 80 -7.71 9.03 -1.15
CA ILE A 80 -8.29 10.29 -0.68
C ILE A 80 -7.44 11.47 -1.12
N LEU A 81 -6.11 11.34 -0.99
CA LEU A 81 -5.24 12.43 -1.40
C LEU A 81 -5.38 12.72 -2.89
N ILE A 82 -5.52 11.67 -3.69
CA ILE A 82 -5.62 11.85 -5.14
C ILE A 82 -6.97 12.43 -5.51
N HIS A 83 -8.04 11.91 -4.91
CA HIS A 83 -9.38 12.44 -5.20
C HIS A 83 -9.49 13.91 -4.81
N LEU A 84 -8.95 14.30 -3.65
CA LEU A 84 -9.02 15.68 -3.23
C LEU A 84 -8.14 16.59 -4.08
N ALA A 85 -6.99 16.09 -4.53
CA ALA A 85 -6.13 16.89 -5.39
C ALA A 85 -6.76 17.14 -6.75
N GLU A 86 -7.50 16.15 -7.26
CA GLU A 86 -8.08 16.30 -8.58
C GLU A 86 -9.29 17.23 -8.56
N LYS A 87 -9.98 17.32 -7.41
CA LYS A 87 -11.18 18.12 -7.28
C LYS A 87 -10.92 19.53 -6.77
N PHE A 88 -9.81 19.76 -6.05
CA PHE A 88 -9.55 21.06 -5.47
C PHE A 88 -8.18 21.61 -5.81
N ASP A 89 -7.36 20.88 -6.58
CA ASP A 89 -6.10 21.38 -7.11
C ASP A 89 -5.96 20.98 -8.58
N GLU A 90 -7.08 20.98 -9.30
CA GLU A 90 -7.07 20.77 -10.74
C GLU A 90 -5.94 21.56 -11.39
N GLY A 91 -5.18 20.88 -12.25
CA GLY A 91 -4.05 21.50 -12.90
C GLY A 91 -2.86 21.82 -12.02
N GLY A 92 -2.95 21.57 -10.72
CA GLY A 92 -1.89 21.90 -9.80
C GLY A 92 -0.69 20.98 -9.93
N SER A 93 0.31 21.24 -9.09
CA SER A 93 1.56 20.49 -9.12
C SER A 93 1.66 19.44 -8.01
N LEU A 94 0.65 19.35 -7.12
CA LEU A 94 0.68 18.31 -6.09
C LEU A 94 0.46 16.93 -6.69
N TRP A 95 -0.43 16.85 -7.67
CA TRP A 95 -0.77 15.61 -8.38
C TRP A 95 -0.58 15.96 -9.86
N PRO A 96 0.66 15.93 -10.34
CA PRO A 96 1.01 16.63 -11.59
C PRO A 96 0.26 16.13 -12.81
N GLN A 97 0.09 17.02 -13.78
CA GLN A 97 -0.68 16.66 -14.97
C GLN A 97 0.14 15.88 -15.98
N GLU A 98 1.46 16.09 -16.04
CA GLU A 98 2.29 15.31 -16.95
C GLU A 98 2.40 13.87 -16.46
N HIS A 99 2.26 12.93 -17.39
CA HIS A 99 2.05 11.53 -17.03
C HIS A 99 3.24 10.96 -16.25
N ALA A 100 4.45 11.19 -16.73
CA ALA A 100 5.63 10.62 -16.09
C ALA A 100 5.80 11.15 -14.67
N GLU A 101 5.62 12.46 -14.47
CA GLU A 101 5.72 13.03 -13.14
C GLU A 101 4.60 12.53 -12.23
N ARG A 102 3.41 12.31 -12.79
CA ARG A 102 2.32 11.80 -11.98
C ARG A 102 2.58 10.36 -11.56
N MET A 103 3.13 9.55 -12.47
CA MET A 103 3.46 8.17 -12.13
C MET A 103 4.52 8.11 -11.04
N LYS A 104 5.46 9.06 -11.05
CA LYS A 104 6.48 9.10 -10.01
C LYS A 104 5.86 9.41 -8.65
N VAL A 105 4.87 10.31 -8.62
CA VAL A 105 4.17 10.60 -7.36
C VAL A 105 3.39 9.38 -6.90
N LEU A 106 2.65 8.75 -7.81
CA LEU A 106 1.93 7.51 -7.48
C LEU A 106 2.89 6.44 -6.95
N ASN A 107 4.05 6.30 -7.59
CA ASN A 107 5.02 5.28 -7.17
C ASN A 107 5.42 5.48 -5.71
N LEU A 108 5.62 6.73 -5.29
CA LEU A 108 6.03 7.04 -3.94
C LEU A 108 4.88 6.93 -2.94
N LEU A 109 3.65 7.26 -3.36
CA LEU A 109 2.49 6.97 -2.53
C LEU A 109 2.41 5.48 -2.21
N LEU A 110 2.68 4.64 -3.20
CA LEU A 110 2.61 3.21 -2.96
C LEU A 110 3.79 2.72 -2.14
N PHE A 111 4.96 3.37 -2.28
CA PHE A 111 6.06 3.10 -1.34
C PHE A 111 5.62 3.35 0.08
N GLU A 112 4.94 4.49 0.31
CA GLU A 112 4.48 4.81 1.66
C GLU A 112 3.55 3.72 2.17
N CYS A 113 2.60 3.29 1.33
CA CYS A 113 1.63 2.29 1.75
C CYS A 113 2.29 0.94 1.99
N SER A 114 3.08 0.47 1.04
CA SER A 114 3.54 -0.91 1.02
C SER A 114 4.78 -1.15 1.85
N PHE A 115 5.56 -0.09 2.16
CA PHE A 115 6.88 -0.27 2.76
C PHE A 115 7.00 0.54 4.06
N LEU A 116 6.98 1.87 3.95
CA LEU A 116 7.17 2.69 5.15
C LEU A 116 6.03 2.48 6.14
N PHE A 117 4.79 2.65 5.69
CA PHE A 117 3.68 2.49 6.64
C PHE A 117 3.55 1.04 7.10
N ARG A 118 3.75 0.08 6.20
CA ARG A 118 3.65 -1.32 6.60
C ARG A 118 4.58 -1.60 7.78
N ARG A 119 5.82 -1.15 7.67
CA ARG A 119 6.81 -1.40 8.71
C ARG A 119 6.54 -0.55 9.95
N ALA A 120 6.07 0.69 9.77
CA ALA A 120 5.78 1.52 10.92
C ALA A 120 4.61 0.95 11.70
N SER A 121 3.60 0.43 11.00
CA SER A 121 2.44 -0.16 11.64
C SER A 121 2.80 -1.50 12.30
N ASP A 122 3.63 -2.31 11.64
CA ASP A 122 4.14 -3.53 12.30
C ASP A 122 4.74 -3.19 13.67
N PHE A 123 5.52 -2.11 13.74
CA PHE A 123 6.23 -1.76 14.96
C PHE A 123 5.27 -1.26 16.04
N MET A 124 4.44 -0.26 15.70
CA MET A 124 3.48 0.27 16.67
C MET A 124 2.49 -0.79 17.11
N SER A 125 2.04 -1.65 16.18
CA SER A 125 1.08 -2.69 16.53
C SER A 125 1.66 -3.66 17.55
N ALA A 126 2.93 -4.02 17.39
CA ALA A 126 3.59 -4.92 18.32
C ALA A 126 3.66 -4.32 19.72
N ILE A 127 3.99 -3.02 19.80
CA ILE A 127 4.02 -2.34 21.10
C ILE A 127 2.67 -2.43 21.78
N VAL A 128 1.59 -2.13 21.05
CA VAL A 128 0.26 -2.15 21.63
C VAL A 128 -0.11 -3.55 22.10
N ARG A 129 0.23 -4.57 21.30
CA ARG A 129 -0.22 -5.93 21.54
C ARG A 129 0.62 -6.64 22.61
N GLN A 130 1.93 -6.40 22.64
CA GLN A 130 2.83 -7.09 23.56
C GLN A 130 3.34 -6.22 24.71
N GLY A 131 3.26 -4.90 24.59
CA GLY A 131 3.98 -4.04 25.50
C GLY A 131 5.39 -3.83 25.01
N PHE A 132 5.90 -2.60 25.16
CA PHE A 132 7.18 -2.25 24.58
C PHE A 132 8.30 -3.16 25.05
N ALA A 133 8.26 -3.58 26.33
CA ALA A 133 9.35 -4.38 26.88
C ALA A 133 9.46 -5.76 26.26
N ASN A 134 8.40 -6.25 25.61
CA ASN A 134 8.43 -7.54 24.95
C ASN A 134 8.62 -7.45 23.45
N VAL A 135 8.71 -6.24 22.90
CA VAL A 135 8.91 -6.07 21.46
C VAL A 135 10.38 -6.27 21.15
N ASP A 136 10.64 -6.90 20.01
CA ASP A 136 11.98 -7.02 19.47
C ASP A 136 12.32 -5.71 18.76
N VAL A 137 12.79 -4.74 19.55
CA VAL A 137 12.97 -3.39 19.01
C VAL A 137 14.09 -3.38 17.98
N ALA A 138 15.16 -4.14 18.20
CA ALA A 138 16.25 -4.22 17.24
C ALA A 138 15.74 -4.65 15.87
N HIS A 139 14.89 -5.65 15.83
CA HIS A 139 14.31 -6.09 14.56
C HIS A 139 13.62 -4.93 13.84
N HIS A 140 12.78 -4.20 14.55
CA HIS A 140 12.05 -3.11 13.92
C HIS A 140 12.96 -1.92 13.62
N GLU A 141 13.99 -1.70 14.45
CA GLU A 141 14.95 -0.67 14.12
C GLU A 141 15.60 -0.95 12.78
N ARG A 142 15.97 -2.21 12.52
CA ARG A 142 16.55 -2.58 11.23
C ARG A 142 15.57 -2.33 10.10
N LYS A 143 14.33 -2.78 10.25
CA LYS A 143 13.38 -2.64 9.14
C LYS A 143 13.02 -1.18 8.90
N LEU A 144 13.03 -0.35 9.94
CA LEU A 144 12.69 1.04 9.71
C LEU A 144 13.91 1.85 9.25
N THR A 145 15.11 1.52 9.75
CA THR A 145 16.31 2.13 9.19
C THR A 145 16.41 1.88 7.69
N GLU A 146 15.97 0.70 7.24
N GLU A 146 15.98 0.69 7.25
CA GLU A 146 16.02 0.44 5.80
CA GLU A 146 15.97 0.38 5.82
C GLU A 146 15.07 1.35 5.03
C GLU A 146 15.07 1.34 5.05
N ALA A 147 13.92 1.69 5.63
CA ALA A 147 13.06 2.69 5.01
C ALA A 147 13.73 4.06 5.01
N TYR A 148 14.41 4.43 6.10
CA TYR A 148 15.19 5.67 6.12
C TYR A 148 16.19 5.71 4.97
N ILE A 149 16.96 4.64 4.79
CA ILE A 149 17.98 4.59 3.75
C ILE A 149 17.35 4.79 2.37
N ILE A 150 16.20 4.16 2.13
CA ILE A 150 15.55 4.27 0.83
C ILE A 150 15.10 5.71 0.58
N MET A 151 14.50 6.35 1.60
CA MET A 151 14.07 7.74 1.43
C MET A 151 15.27 8.67 1.27
N GLU A 152 16.37 8.39 1.99
CA GLU A 152 17.59 9.16 1.77
C GLU A 152 18.05 9.06 0.32
N ARG A 153 18.00 7.84 -0.25
CA ARG A 153 18.34 7.65 -1.65
C ARG A 153 17.42 8.42 -2.57
N TYR A 154 16.11 8.40 -2.30
CA TYR A 154 15.19 9.20 -3.12
C TYR A 154 15.56 10.69 -3.08
N LEU A 155 15.94 11.18 -1.89
CA LEU A 155 16.24 12.60 -1.75
C LEU A 155 17.64 12.97 -2.23
N GLU A 156 18.49 12.00 -2.53
CA GLU A 156 19.77 12.33 -3.13
C GLU A 156 19.62 12.70 -4.60
N ASN A 157 18.61 12.15 -5.25
CA ASN A 157 18.34 12.39 -6.67
C ASN A 157 17.32 13.50 -6.91
N SER A 158 16.67 14.00 -5.86
CA SER A 158 15.65 15.01 -6.02
C SER A 158 15.51 15.82 -4.73
N ASP A 159 14.94 17.02 -4.86
CA ASP A 159 14.81 17.90 -3.71
C ASP A 159 13.65 17.49 -2.81
N PHE A 160 12.50 17.18 -3.39
CA PHE A 160 11.40 16.58 -2.65
C PHE A 160 11.31 15.10 -3.00
N MET A 161 10.33 14.41 -2.40
CA MET A 161 10.30 12.94 -2.51
C MET A 161 10.14 12.49 -3.95
N ALA A 162 9.31 13.19 -4.73
CA ALA A 162 8.98 12.74 -6.07
C ALA A 162 9.47 13.68 -7.15
N GLY A 163 10.32 14.65 -6.81
CA GLY A 163 10.80 15.60 -7.79
C GLY A 163 11.16 16.93 -7.17
N PRO A 164 11.30 17.97 -8.01
CA PRO A 164 11.79 19.26 -7.52
C PRO A 164 10.78 20.06 -6.72
N GLN A 165 9.51 19.66 -6.72
CA GLN A 165 8.45 20.40 -6.05
C GLN A 165 7.69 19.52 -5.08
N LEU A 166 7.07 20.16 -4.09
CA LEU A 166 6.21 19.47 -3.13
C LEU A 166 5.03 18.80 -3.85
N THR A 167 4.79 17.53 -3.52
CA THR A 167 3.69 16.76 -4.10
C THR A 167 2.96 15.97 -3.02
N LEU A 168 1.87 15.32 -3.43
CA LEU A 168 1.12 14.43 -2.54
C LEU A 168 2.00 13.38 -1.87
N ALA A 169 3.11 13.01 -2.51
CA ALA A 169 3.98 11.99 -1.92
C ALA A 169 4.64 12.49 -0.65
N ASP A 170 5.02 13.78 -0.63
CA ASP A 170 5.60 14.36 0.57
C ASP A 170 4.59 14.42 1.70
N LEU A 171 3.33 14.72 1.38
CA LEU A 171 2.30 14.78 2.42
C LEU A 171 2.04 13.40 3.01
N SER A 172 2.00 12.37 2.15
CA SER A 172 1.79 10.99 2.61
C SER A 172 2.96 10.52 3.48
N ILE A 173 4.19 10.80 3.03
CA ILE A 173 5.37 10.23 3.66
C ILE A 173 5.73 10.95 4.96
N VAL A 174 5.58 12.29 5.00
CA VAL A 174 6.11 13.04 6.15
C VAL A 174 5.39 12.67 7.44
N THR A 175 4.10 12.33 7.36
CA THR A 175 3.37 12.01 8.58
C THR A 175 3.86 10.69 9.20
N THR A 176 4.01 9.66 8.37
CA THR A 176 4.53 8.39 8.88
C THR A 176 6.00 8.54 9.26
N LEU A 177 6.75 9.32 8.50
CA LEU A 177 8.14 9.58 8.88
C LEU A 177 8.21 10.22 10.26
N SER A 178 7.42 11.28 10.49
CA SER A 178 7.44 11.94 11.79
C SER A 178 7.05 10.96 12.90
N THR A 179 6.20 9.99 12.57
CA THR A 179 5.76 8.98 13.53
C THR A 179 6.90 8.02 13.88
N VAL A 180 7.57 7.50 12.85
CA VAL A 180 8.72 6.62 13.07
C VAL A 180 9.81 7.34 13.85
N ASN A 181 10.02 8.63 13.53
CA ASN A 181 11.10 9.42 14.12
C ASN A 181 10.83 9.79 15.57
N LEU A 182 9.64 9.51 16.10
CA LEU A 182 9.46 9.57 17.55
C LEU A 182 10.42 8.60 18.24
N MET A 183 10.66 7.45 17.62
CA MET A 183 11.50 6.40 18.19
C MET A 183 12.92 6.41 17.65
N PHE A 184 13.09 6.55 16.33
CA PHE A 184 14.39 6.31 15.70
C PHE A 184 14.97 7.59 15.12
N PRO A 185 16.18 7.96 15.52
CA PRO A 185 16.72 9.28 15.15
C PRO A 185 17.21 9.32 13.71
N LEU A 186 17.33 10.55 13.21
CA LEU A 186 17.72 10.81 11.83
C LEU A 186 19.12 11.39 11.72
N SER A 187 19.97 11.16 12.73
CA SER A 187 21.30 11.78 12.77
C SER A 187 22.13 11.42 11.54
N GLN A 188 21.98 10.20 11.04
CA GLN A 188 22.82 9.70 9.95
C GLN A 188 22.23 9.95 8.57
N PHE A 189 21.17 10.75 8.47
CA PHE A 189 20.40 10.93 7.24
C PHE A 189 20.25 12.41 6.93
N PRO A 190 21.30 13.04 6.40
CA PRO A 190 21.26 14.50 6.22
C PRO A 190 20.24 14.98 5.22
N ARG A 191 20.00 14.25 4.12
CA ARG A 191 18.98 14.69 3.17
C ARG A 191 17.59 14.58 3.77
N LEU A 192 17.33 13.47 4.47
CA LEU A 192 16.04 13.30 5.13
C LEU A 192 15.81 14.36 6.19
N ARG A 193 16.86 14.68 6.96
CA ARG A 193 16.77 15.75 7.95
C ARG A 193 16.47 17.09 7.29
N ARG A 194 17.20 17.42 6.23
CA ARG A 194 16.95 18.68 5.53
C ARG A 194 15.52 18.73 4.97
N TRP A 195 15.07 17.62 4.37
CA TRP A 195 13.72 17.57 3.82
C TRP A 195 12.67 17.65 4.91
N PHE A 196 12.87 16.91 6.01
CA PHE A 196 11.93 16.98 7.12
C PHE A 196 11.88 18.39 7.70
N THR A 197 13.05 19.02 7.87
CA THR A 197 13.09 20.39 8.35
C THR A 197 12.29 21.31 7.45
N ALA A 198 12.43 21.17 6.13
CA ALA A 198 11.67 22.00 5.21
C ALA A 198 10.17 21.75 5.35
N MET A 199 9.77 20.49 5.49
CA MET A 199 8.34 20.18 5.62
C MET A 199 7.77 20.83 6.88
N GLN A 200 8.56 20.87 7.96
CA GLN A 200 8.10 21.44 9.21
C GLN A 200 7.96 22.96 9.13
N GLN A 201 8.61 23.60 8.16
CA GLN A 201 8.42 25.02 7.95
C GLN A 201 7.12 25.34 7.23
N LEU A 202 6.47 24.34 6.65
CA LEU A 202 5.25 24.57 5.88
C LEU A 202 4.08 24.84 6.80
N ASP A 203 3.26 25.83 6.41
CA ASP A 203 2.07 26.15 7.19
C ASP A 203 1.16 24.94 7.35
N ALA A 204 1.09 24.09 6.32
CA ALA A 204 0.26 22.90 6.39
C ALA A 204 0.78 21.87 7.39
N TYR A 205 2.06 21.93 7.76
CA TYR A 205 2.58 20.96 8.71
C TYR A 205 1.93 21.10 10.09
N GLU A 206 1.32 22.25 10.37
CA GLU A 206 0.58 22.39 11.63
C GLU A 206 -0.49 21.32 11.78
N ALA A 207 -1.04 20.82 10.67
CA ALA A 207 -2.04 19.77 10.77
C ALA A 207 -1.44 18.41 11.16
N ASN A 208 -0.12 18.27 11.16
CA ASN A 208 0.49 17.02 11.64
C ASN A 208 0.88 17.09 13.11
N CYS A 209 1.21 18.29 13.59
CA CYS A 209 1.78 18.48 14.92
C CYS A 209 0.94 17.86 16.02
N SER A 210 -0.37 18.14 15.99
CA SER A 210 -1.22 17.81 17.13
C SER A 210 -1.42 16.31 17.26
N GLY A 211 -1.73 15.63 16.15
CA GLY A 211 -1.97 14.19 16.20
C GLY A 211 -0.70 13.39 16.44
N LEU A 212 0.44 13.91 16.01
CA LEU A 212 1.70 13.27 16.33
C LEU A 212 1.90 13.23 17.83
N GLU A 213 1.67 14.37 18.50
CA GLU A 213 1.87 14.43 19.95
C GLU A 213 0.89 13.52 20.68
N LYS A 214 -0.37 13.52 20.25
CA LYS A 214 -1.35 12.63 20.88
C LYS A 214 -1.02 11.16 20.64
N LEU A 215 -0.50 10.82 19.45
CA LEU A 215 -0.05 9.45 19.25
C LEU A 215 1.12 9.12 20.19
N ARG A 216 2.04 10.07 20.36
CA ARG A 216 3.14 9.87 21.30
C ARG A 216 2.61 9.58 22.69
N GLN A 217 1.64 10.38 23.17
CA GLN A 217 1.10 10.16 24.49
C GLN A 217 0.35 8.83 24.60
N THR A 218 -0.46 8.49 23.60
CA THR A 218 -1.22 7.25 23.68
C THR A 218 -0.31 6.03 23.67
N MET A 219 0.66 6.01 22.75
CA MET A 219 1.56 4.86 22.65
C MET A 219 2.35 4.66 23.93
N GLU A 220 2.83 5.76 24.54
CA GLU A 220 3.59 5.64 25.77
C GLU A 220 2.74 5.06 26.88
N SER A 221 1.46 5.45 26.94
CA SER A 221 0.54 4.91 27.94
C SER A 221 0.26 3.43 27.68
N VAL A 222 -0.23 3.09 26.49
CA VAL A 222 -0.61 1.72 26.21
C VAL A 222 0.61 0.79 26.16
N GLY A 223 1.76 1.29 25.71
CA GLY A 223 2.93 0.43 25.64
C GLY A 223 3.76 0.39 26.90
N SER A 224 3.47 1.27 27.86
CA SER A 224 4.21 1.34 29.12
C SER A 224 5.69 1.59 28.87
N PHE A 225 5.98 2.69 28.18
CA PHE A 225 7.36 3.08 27.89
C PHE A 225 7.39 4.57 27.59
N GLN A 226 8.59 5.06 27.34
CA GLN A 226 8.79 6.44 26.88
C GLN A 226 9.65 6.42 25.64
N PHE A 227 9.24 7.16 24.61
CA PHE A 227 10.09 7.40 23.46
C PHE A 227 11.30 8.23 23.90
N PRO A 228 12.46 8.01 23.29
CA PRO A 228 13.61 8.86 23.60
C PRO A 228 13.39 10.26 23.05
N SER A 229 13.31 11.24 23.96
CA SER A 229 12.98 12.61 23.56
C SER A 229 13.98 13.16 22.54
N SER A 230 15.23 12.72 22.61
CA SER A 230 16.27 13.23 21.71
C SER A 230 16.07 12.78 20.26
N SER A 231 15.24 11.79 19.99
CA SER A 231 15.09 11.28 18.63
C SER A 231 14.34 12.26 17.72
N ALA A 232 13.19 12.75 18.17
CA ALA A 232 12.33 13.53 17.27
C ALA A 232 13.03 14.81 16.82
N VAL A 233 12.95 15.07 15.52
CA VAL A 233 13.49 16.29 14.94
C VAL A 233 12.49 17.42 15.14
N VAL A 234 12.90 18.46 15.86
CA VAL A 234 12.06 19.62 16.13
C VAL A 234 12.73 20.85 15.52
N THR A 235 11.93 21.71 14.89
CA THR A 235 12.47 22.91 14.26
C THR A 235 11.78 24.16 14.79
N PRO B 11 11.55 3.43 -26.44
CA PRO B 11 11.89 2.05 -26.07
C PRO B 11 10.71 1.29 -25.46
N LYS B 12 10.61 0.01 -25.74
CA LYS B 12 9.53 -0.79 -25.18
C LYS B 12 9.81 -1.05 -23.69
N PRO B 13 8.76 -1.28 -22.90
CA PRO B 13 8.95 -1.45 -21.46
C PRO B 13 9.73 -2.70 -21.13
N ILE B 14 10.47 -2.62 -20.02
CA ILE B 14 11.23 -3.72 -19.46
C ILE B 14 10.61 -4.06 -18.11
N LEU B 15 10.27 -5.34 -17.92
CA LEU B 15 9.63 -5.78 -16.68
C LEU B 15 10.57 -6.75 -15.98
N TYR B 16 11.09 -6.35 -14.82
CA TYR B 16 11.87 -7.24 -13.97
C TYR B 16 10.91 -8.06 -13.11
N TYR B 17 11.06 -9.37 -13.12
CA TYR B 17 9.95 -10.19 -12.66
C TYR B 17 10.45 -11.48 -12.07
N ASP B 18 9.59 -12.07 -11.24
CA ASP B 18 9.65 -13.46 -10.81
C ASP B 18 8.19 -13.90 -10.75
N GLU B 19 7.77 -14.82 -11.62
CA GLU B 19 6.34 -15.09 -11.74
C GLU B 19 5.75 -15.76 -10.50
N ARG B 20 6.56 -16.15 -9.51
CA ARG B 20 5.97 -16.64 -8.27
C ARG B 20 5.28 -15.51 -7.50
N SER B 21 5.69 -14.27 -7.72
CA SER B 21 5.07 -13.14 -7.04
C SER B 21 3.69 -12.89 -7.62
N PRO B 22 2.63 -12.83 -6.80
CA PRO B 22 1.29 -12.55 -7.33
C PRO B 22 1.21 -11.17 -7.98
N PRO B 23 1.83 -10.13 -7.42
CA PRO B 23 1.79 -8.83 -8.14
C PRO B 23 2.49 -8.87 -9.49
N VAL B 24 3.56 -9.67 -9.63
CA VAL B 24 4.12 -9.90 -10.95
C VAL B 24 3.07 -10.50 -11.87
N ARG B 25 2.37 -11.52 -11.40
CA ARG B 25 1.37 -12.17 -12.26
C ARG B 25 0.23 -11.23 -12.64
N SER B 26 -0.13 -10.28 -11.75
CA SER B 26 -1.11 -9.28 -12.15
C SER B 26 -0.65 -8.51 -13.38
N CYS B 27 0.63 -8.13 -13.42
CA CYS B 27 1.15 -7.41 -14.58
C CYS B 27 1.25 -8.31 -15.79
N LEU B 28 1.61 -9.58 -15.59
CA LEU B 28 1.66 -10.51 -16.71
C LEU B 28 0.27 -10.69 -17.31
N MET B 29 -0.77 -10.70 -16.47
CA MET B 29 -2.13 -10.81 -16.99
C MET B 29 -2.52 -9.56 -17.79
N LEU B 30 -2.16 -8.37 -17.29
CA LEU B 30 -2.47 -7.15 -18.03
C LEU B 30 -1.72 -7.10 -19.35
N ILE B 31 -0.45 -7.53 -19.35
CA ILE B 31 0.34 -7.55 -20.57
C ILE B 31 -0.29 -8.48 -21.60
N LYS B 32 -0.78 -9.65 -21.15
CA LYS B 32 -1.42 -10.57 -22.06
C LYS B 32 -2.76 -10.01 -22.53
N LEU B 33 -3.48 -9.38 -21.62
CA LEU B 33 -4.79 -8.80 -21.94
C LEU B 33 -4.68 -7.73 -23.02
N LEU B 34 -3.66 -6.87 -22.94
CA LEU B 34 -3.55 -5.74 -23.85
C LEU B 34 -2.56 -5.97 -24.99
N ASP B 35 -1.99 -7.17 -25.09
CA ASP B 35 -0.96 -7.49 -26.10
C ASP B 35 0.19 -6.48 -26.08
N ILE B 36 0.69 -6.20 -24.89
CA ILE B 36 1.80 -5.26 -24.78
C ILE B 36 3.10 -5.98 -25.09
N ASP B 37 3.92 -5.38 -25.95
CA ASP B 37 5.26 -5.88 -26.23
C ASP B 37 6.20 -5.41 -25.13
N VAL B 38 6.68 -6.35 -24.31
CA VAL B 38 7.51 -6.03 -23.16
C VAL B 38 8.72 -6.96 -23.17
N GLU B 39 9.85 -6.44 -22.70
CA GLU B 39 11.02 -7.27 -22.47
C GLU B 39 11.02 -7.76 -21.02
N LEU B 40 10.90 -9.07 -20.85
CA LEU B 40 10.96 -9.69 -19.54
C LEU B 40 12.41 -9.93 -19.12
N ARG B 41 12.71 -9.64 -17.86
CA ARG B 41 14.01 -9.92 -17.27
C ARG B 41 13.81 -10.60 -15.93
N PHE B 42 14.25 -11.85 -15.81
CA PHE B 42 13.98 -12.64 -14.62
C PHE B 42 14.93 -12.28 -13.49
N VAL B 43 14.37 -12.06 -12.29
CA VAL B 43 15.10 -11.80 -11.06
C VAL B 43 14.67 -12.84 -10.05
N ASN B 44 15.57 -13.77 -9.69
CA ASN B 44 15.19 -14.89 -8.84
C ASN B 44 15.11 -14.46 -7.38
N LEU B 45 13.89 -14.31 -6.86
CA LEU B 45 13.69 -13.79 -5.51
C LEU B 45 14.20 -14.74 -4.44
N PHE B 46 14.11 -16.04 -4.67
CA PHE B 46 14.55 -17.01 -3.67
C PHE B 46 16.05 -17.26 -3.72
N LYS B 47 16.76 -16.67 -4.66
CA LYS B 47 18.22 -16.62 -4.64
C LYS B 47 18.73 -15.25 -4.21
N GLY B 48 17.83 -14.36 -3.78
CA GLY B 48 18.23 -13.04 -3.34
C GLY B 48 18.76 -12.14 -4.45
N GLU B 49 18.46 -12.45 -5.71
CA GLU B 49 18.97 -11.63 -6.81
C GLU B 49 18.42 -10.21 -6.78
N GLN B 50 17.33 -9.97 -6.04
CA GLN B 50 16.83 -8.61 -5.85
C GLN B 50 17.76 -7.75 -5.01
N PHE B 51 18.77 -8.35 -4.37
CA PHE B 51 19.78 -7.60 -3.62
C PHE B 51 21.07 -7.41 -4.41
N GLN B 52 21.13 -7.84 -5.66
CA GLN B 52 22.30 -7.57 -6.48
C GLN B 52 22.47 -6.06 -6.65
N LYS B 53 23.72 -5.61 -6.64
CA LYS B 53 24.02 -4.19 -6.54
C LYS B 53 23.32 -3.39 -7.63
N ASP B 54 23.27 -3.91 -8.86
CA ASP B 54 22.68 -3.14 -9.94
C ASP B 54 21.17 -3.03 -9.79
N PHE B 55 20.52 -4.10 -9.32
CA PHE B 55 19.09 -4.02 -9.13
C PHE B 55 18.73 -3.13 -7.93
N LEU B 56 19.51 -3.22 -6.85
CA LEU B 56 19.28 -2.34 -5.70
C LEU B 56 19.40 -0.89 -6.10
N ALA B 57 20.36 -0.56 -6.97
CA ALA B 57 20.46 0.81 -7.48
C ALA B 57 19.24 1.20 -8.28
N LEU B 58 18.66 0.24 -9.02
CA LEU B 58 17.46 0.53 -9.79
C LEU B 58 16.25 0.66 -8.90
N ASN B 59 16.12 -0.23 -7.91
CA ASN B 59 14.97 -0.26 -7.01
C ASN B 59 15.47 -0.56 -5.61
N PRO B 60 15.70 0.45 -4.77
CA PRO B 60 16.17 0.18 -3.41
C PRO B 60 15.18 -0.58 -2.55
N GLN B 61 13.92 -0.73 -2.97
CA GLN B 61 12.99 -1.58 -2.24
C GLN B 61 13.17 -3.07 -2.57
N HIS B 62 14.06 -3.40 -3.50
CA HIS B 62 14.42 -4.77 -3.86
C HIS B 62 13.18 -5.65 -4.04
N SER B 63 12.28 -5.20 -4.92
CA SER B 63 11.00 -5.84 -5.11
C SER B 63 10.69 -6.00 -6.59
N VAL B 64 9.90 -7.02 -6.91
CA VAL B 64 9.33 -7.20 -8.25
C VAL B 64 7.82 -7.24 -8.10
N PRO B 65 7.06 -6.75 -9.10
CA PRO B 65 7.56 -6.26 -10.39
C PRO B 65 8.22 -4.87 -10.31
N THR B 66 9.22 -4.67 -11.16
CA THR B 66 9.80 -3.36 -11.42
C THR B 66 9.73 -3.11 -12.91
N LEU B 67 9.15 -1.99 -13.31
CA LEU B 67 9.04 -1.61 -14.71
C LEU B 67 10.00 -0.48 -15.02
N VAL B 68 10.80 -0.65 -16.07
CA VAL B 68 11.59 0.42 -16.65
C VAL B 68 11.02 0.71 -18.03
N HIS B 69 10.52 1.92 -18.23
CA HIS B 69 9.90 2.31 -19.49
C HIS B 69 10.45 3.69 -19.85
N GLY B 70 11.47 3.72 -20.70
CA GLY B 70 12.18 4.96 -20.93
C GLY B 70 12.93 5.34 -19.67
N ASP B 71 12.74 6.59 -19.23
CA ASP B 71 13.32 7.06 -17.98
C ASP B 71 12.47 6.75 -16.76
N LEU B 72 11.24 6.26 -16.94
CA LEU B 72 10.35 6.01 -15.81
C LEU B 72 10.66 4.65 -15.20
N VAL B 73 10.90 4.64 -13.88
CA VAL B 73 11.16 3.42 -13.12
C VAL B 73 10.05 3.26 -12.09
N LEU B 74 9.22 2.24 -12.24
CA LEU B 74 8.10 1.98 -11.36
C LEU B 74 8.40 0.74 -10.53
N THR B 75 8.12 0.82 -9.23
CA THR B 75 8.53 -0.20 -8.28
C THR B 75 7.36 -0.74 -7.48
N ASP B 76 6.15 -0.64 -8.02
CA ASP B 76 4.98 -1.19 -7.37
C ASP B 76 4.01 -1.63 -8.44
N SER B 77 3.48 -2.85 -8.28
CA SER B 77 2.61 -3.41 -9.32
C SER B 77 1.40 -2.53 -9.59
N HIS B 78 0.88 -1.84 -8.57
CA HIS B 78 -0.32 -1.04 -8.81
C HIS B 78 0.00 0.18 -9.66
N ALA B 79 1.20 0.76 -9.50
CA ALA B 79 1.61 1.84 -10.40
C ALA B 79 1.83 1.31 -11.82
N ILE B 80 2.41 0.11 -11.93
CA ILE B 80 2.65 -0.48 -13.24
C ILE B 80 1.34 -0.75 -13.98
N LEU B 81 0.35 -1.33 -13.27
CA LEU B 81 -0.95 -1.61 -13.89
C LEU B 81 -1.59 -0.34 -14.42
N ILE B 82 -1.60 0.72 -13.61
CA ILE B 82 -2.20 1.99 -14.01
C ILE B 82 -1.42 2.59 -15.18
N HIS B 83 -0.10 2.58 -15.11
CA HIS B 83 0.72 3.16 -16.17
C HIS B 83 0.48 2.44 -17.50
N LEU B 84 0.53 1.11 -17.49
CA LEU B 84 0.37 0.36 -18.73
C LEU B 84 -1.02 0.55 -19.32
N ALA B 85 -2.03 0.62 -18.46
CA ALA B 85 -3.40 0.86 -18.94
C ALA B 85 -3.52 2.25 -19.57
N GLU B 86 -2.97 3.27 -18.91
CA GLU B 86 -3.04 4.62 -19.46
C GLU B 86 -2.27 4.74 -20.77
N LYS B 87 -1.10 4.10 -20.85
CA LYS B 87 -0.29 4.20 -22.06
C LYS B 87 -0.79 3.29 -23.18
N PHE B 88 -1.31 2.11 -22.86
CA PHE B 88 -1.62 1.13 -23.90
C PHE B 88 -3.10 0.79 -24.02
N ASP B 89 -3.98 1.40 -23.22
CA ASP B 89 -5.40 1.11 -23.28
C ASP B 89 -6.21 2.38 -23.04
N GLU B 90 -5.77 3.49 -23.64
CA GLU B 90 -6.46 4.76 -23.45
C GLU B 90 -7.91 4.65 -23.93
N GLY B 91 -8.83 5.19 -23.14
CA GLY B 91 -10.24 5.04 -23.41
C GLY B 91 -10.82 3.69 -23.08
N GLY B 92 -10.03 2.78 -22.50
CA GLY B 92 -10.52 1.46 -22.14
C GLY B 92 -11.30 1.48 -20.84
N SER B 93 -11.83 0.30 -20.49
CA SER B 93 -12.66 0.17 -19.28
C SER B 93 -11.91 -0.40 -18.09
N LEU B 94 -10.73 -1.00 -18.29
CA LEU B 94 -9.97 -1.54 -17.17
C LEU B 94 -9.56 -0.45 -16.19
N TRP B 95 -9.29 0.75 -16.69
CA TRP B 95 -8.94 1.92 -15.88
C TRP B 95 -9.91 3.01 -16.29
N PRO B 96 -11.11 3.01 -15.72
CA PRO B 96 -12.21 3.86 -16.22
C PRO B 96 -11.83 5.33 -16.30
N GLN B 97 -12.34 6.01 -17.32
CA GLN B 97 -12.05 7.42 -17.50
C GLN B 97 -12.92 8.31 -16.60
N GLU B 98 -14.12 7.87 -16.25
CA GLU B 98 -14.96 8.66 -15.35
C GLU B 98 -14.34 8.66 -13.94
N HIS B 99 -14.27 9.85 -13.34
CA HIS B 99 -13.49 10.03 -12.11
C HIS B 99 -13.99 9.14 -10.99
N ALA B 100 -15.30 9.11 -10.75
CA ALA B 100 -15.83 8.33 -9.63
C ALA B 100 -15.56 6.84 -9.81
N GLU B 101 -15.69 6.34 -11.05
CA GLU B 101 -15.39 4.94 -11.29
C GLU B 101 -13.89 4.68 -11.19
N ARG B 102 -13.06 5.60 -11.67
CA ARG B 102 -11.62 5.42 -11.56
C ARG B 102 -11.18 5.40 -10.09
N MET B 103 -11.78 6.26 -9.26
CA MET B 103 -11.44 6.28 -7.84
C MET B 103 -11.86 4.99 -7.13
N LYS B 104 -12.97 4.39 -7.56
CA LYS B 104 -13.36 3.12 -6.97
C LYS B 104 -12.37 2.01 -7.33
N VAL B 105 -11.83 2.05 -8.55
CA VAL B 105 -10.79 1.08 -8.91
C VAL B 105 -9.53 1.36 -8.11
N LEU B 106 -9.15 2.63 -7.96
CA LEU B 106 -8.00 2.97 -7.13
C LEU B 106 -8.19 2.47 -5.70
N ASN B 107 -9.39 2.65 -5.15
CA ASN B 107 -9.66 2.24 -3.78
C ASN B 107 -9.44 0.74 -3.61
N LEU B 108 -9.88 -0.05 -4.59
CA LEU B 108 -9.72 -1.50 -4.47
C LEU B 108 -8.29 -1.96 -4.74
N LEU B 109 -7.57 -1.26 -5.62
CA LEU B 109 -6.14 -1.54 -5.79
C LEU B 109 -5.40 -1.35 -4.47
N LEU B 110 -5.76 -0.29 -3.73
CA LEU B 110 -5.11 -0.01 -2.46
C LEU B 110 -5.51 -1.03 -1.39
N PHE B 111 -6.76 -1.48 -1.41
CA PHE B 111 -7.16 -2.60 -0.55
C PHE B 111 -6.27 -3.81 -0.78
N GLU B 112 -6.04 -4.15 -2.04
CA GLU B 112 -5.17 -5.26 -2.37
C GLU B 112 -3.78 -5.05 -1.76
N CYS B 113 -3.21 -3.86 -1.96
CA CYS B 113 -1.86 -3.60 -1.46
C CYS B 113 -1.82 -3.63 0.06
N SER B 114 -2.73 -2.89 0.71
CA SER B 114 -2.65 -2.61 2.15
C SER B 114 -3.29 -3.68 3.03
N PHE B 115 -4.13 -4.54 2.48
CA PHE B 115 -4.91 -5.45 3.32
C PHE B 115 -4.74 -6.89 2.86
N LEU B 116 -5.19 -7.20 1.65
CA LEU B 116 -5.09 -8.57 1.16
C LEU B 116 -3.63 -9.00 0.98
N PHE B 117 -2.84 -8.23 0.22
CA PHE B 117 -1.46 -8.65 -0.02
C PHE B 117 -0.63 -8.57 1.26
N ARG B 118 -0.83 -7.53 2.07
CA ARG B 118 -0.08 -7.45 3.31
C ARG B 118 -0.25 -8.72 4.14
N ARG B 119 -1.50 -9.19 4.26
CA ARG B 119 -1.74 -10.38 5.08
C ARG B 119 -1.26 -11.65 4.39
N ALA B 120 -1.39 -11.71 3.06
CA ALA B 120 -0.86 -12.86 2.33
C ALA B 120 0.65 -12.94 2.47
N SER B 121 1.31 -11.78 2.38
CA SER B 121 2.76 -11.71 2.54
C SER B 121 3.18 -12.05 3.97
N ASP B 122 2.46 -11.54 4.97
CA ASP B 122 2.73 -11.92 6.36
C ASP B 122 2.73 -13.43 6.53
N PHE B 123 1.76 -14.11 5.92
CA PHE B 123 1.63 -15.56 6.07
C PHE B 123 2.74 -16.30 5.34
N MET B 124 2.93 -16.00 4.05
CA MET B 124 3.96 -16.70 3.28
C MET B 124 5.34 -16.44 3.83
N SER B 125 5.60 -15.21 4.30
CA SER B 125 6.91 -14.90 4.86
C SER B 125 7.15 -15.64 6.16
N ALA B 126 6.10 -15.86 6.95
CA ALA B 126 6.25 -16.61 8.20
C ALA B 126 6.66 -18.05 7.92
N ILE B 127 6.08 -18.65 6.88
CA ILE B 127 6.47 -20.01 6.50
C ILE B 127 7.94 -20.08 6.14
N VAL B 128 8.41 -19.12 5.33
CA VAL B 128 9.80 -19.13 4.89
C VAL B 128 10.74 -18.97 6.08
N ARG B 129 10.42 -18.05 6.99
CA ARG B 129 11.31 -17.77 8.11
C ARG B 129 11.25 -18.83 9.20
N GLN B 130 10.05 -19.26 9.57
CA GLN B 130 9.89 -20.15 10.72
C GLN B 130 9.72 -21.62 10.35
N GLY B 131 9.40 -21.93 9.09
CA GLY B 131 8.99 -23.27 8.74
C GLY B 131 7.51 -23.47 8.97
N PHE B 132 6.84 -24.21 8.09
CA PHE B 132 5.39 -24.32 8.16
C PHE B 132 4.95 -24.88 9.51
N ALA B 133 5.68 -25.87 10.03
CA ALA B 133 5.32 -26.49 11.30
C ALA B 133 5.30 -25.51 12.47
N ASN B 134 5.99 -24.37 12.35
CA ASN B 134 6.09 -23.41 13.45
C ASN B 134 5.28 -22.15 13.20
N VAL B 135 4.47 -22.11 12.18
CA VAL B 135 3.64 -20.94 11.91
C VAL B 135 2.33 -21.08 12.69
N ASP B 136 1.88 -19.97 13.29
CA ASP B 136 0.55 -19.93 13.88
C ASP B 136 -0.50 -19.89 12.79
N VAL B 137 -0.90 -21.07 12.30
CA VAL B 137 -1.79 -21.12 11.14
C VAL B 137 -3.16 -20.56 11.48
N ALA B 138 -3.65 -20.81 12.69
CA ALA B 138 -4.96 -20.27 13.07
C ALA B 138 -4.95 -18.75 13.02
N HIS B 139 -3.85 -18.11 13.45
CA HIS B 139 -3.76 -16.66 13.42
C HIS B 139 -3.91 -16.13 12.00
N HIS B 140 -3.15 -16.70 11.07
CA HIS B 140 -3.20 -16.21 9.69
C HIS B 140 -4.51 -16.59 9.02
N GLU B 141 -5.09 -17.73 9.38
CA GLU B 141 -6.39 -18.08 8.83
C GLU B 141 -7.43 -17.02 9.16
N ARG B 142 -7.45 -16.55 10.41
CA ARG B 142 -8.38 -15.48 10.78
C ARG B 142 -8.09 -14.22 9.98
N LYS B 143 -6.82 -13.81 9.91
CA LYS B 143 -6.48 -12.56 9.23
C LYS B 143 -6.88 -12.59 7.76
N LEU B 144 -6.64 -13.73 7.09
CA LEU B 144 -6.99 -13.83 5.68
C LEU B 144 -8.47 -14.12 5.47
N THR B 145 -9.12 -14.84 6.39
CA THR B 145 -10.57 -15.01 6.28
C THR B 145 -11.28 -13.67 6.37
N GLU B 146 -10.75 -12.74 7.18
N GLU B 146 -10.75 -12.74 7.18
CA GLU B 146 -11.33 -11.40 7.23
CA GLU B 146 -11.32 -11.40 7.23
C GLU B 146 -11.29 -10.75 5.85
C GLU B 146 -11.27 -10.73 5.87
N ALA B 147 -10.21 -10.95 5.10
CA ALA B 147 -10.13 -10.39 3.76
C ALA B 147 -11.16 -11.04 2.84
N TYR B 148 -11.33 -12.35 2.96
CA TYR B 148 -12.40 -13.02 2.21
C TYR B 148 -13.75 -12.38 2.49
N ILE B 149 -14.05 -12.12 3.77
CA ILE B 149 -15.34 -11.55 4.14
C ILE B 149 -15.53 -10.18 3.51
N ILE B 150 -14.47 -9.38 3.51
CA ILE B 150 -14.54 -8.04 2.94
C ILE B 150 -14.79 -8.11 1.44
N MET B 151 -14.04 -8.95 0.74
CA MET B 151 -14.25 -9.07 -0.70
C MET B 151 -15.63 -9.60 -1.02
N GLU B 152 -16.15 -10.51 -0.18
CA GLU B 152 -17.51 -11.00 -0.37
C GLU B 152 -18.52 -9.85 -0.31
N ARG B 153 -18.32 -8.92 0.63
CA ARG B 153 -19.21 -7.76 0.70
C ARG B 153 -19.02 -6.85 -0.51
N TYR B 154 -17.77 -6.69 -0.97
CA TYR B 154 -17.51 -5.86 -2.14
C TYR B 154 -18.22 -6.39 -3.38
N LEU B 155 -18.48 -7.70 -3.44
CA LEU B 155 -19.12 -8.34 -4.58
C LEU B 155 -20.64 -8.36 -4.50
N GLU B 156 -21.22 -7.69 -3.49
CA GLU B 156 -22.66 -7.80 -3.26
C GLU B 156 -23.46 -7.23 -4.43
N ASN B 157 -23.19 -5.98 -4.80
CA ASN B 157 -23.99 -5.31 -5.81
C ASN B 157 -23.45 -5.47 -7.22
N SER B 158 -22.21 -5.96 -7.38
CA SER B 158 -21.53 -5.96 -8.67
C SER B 158 -20.94 -7.33 -8.95
N ASP B 159 -20.84 -7.66 -10.25
CA ASP B 159 -20.25 -8.92 -10.66
C ASP B 159 -18.73 -8.94 -10.53
N PHE B 160 -18.09 -7.77 -10.57
CA PHE B 160 -16.65 -7.67 -10.41
C PHE B 160 -16.33 -6.82 -9.18
N MET B 161 -15.04 -6.76 -8.84
CA MET B 161 -14.64 -6.14 -7.58
C MET B 161 -14.98 -4.65 -7.54
N ALA B 162 -14.86 -3.96 -8.68
CA ALA B 162 -14.99 -2.52 -8.72
C ALA B 162 -16.21 -2.04 -9.48
N GLY B 163 -17.10 -2.95 -9.87
CA GLY B 163 -18.30 -2.58 -10.59
C GLY B 163 -18.77 -3.68 -11.51
N PRO B 164 -19.55 -3.32 -12.54
CA PRO B 164 -20.14 -4.33 -13.43
C PRO B 164 -19.16 -4.92 -14.44
N GLN B 165 -17.95 -4.38 -14.57
CA GLN B 165 -17.02 -4.84 -15.58
C GLN B 165 -15.64 -5.08 -14.97
N LEU B 166 -14.84 -5.85 -15.71
CA LEU B 166 -13.47 -6.15 -15.30
C LEU B 166 -12.62 -4.89 -15.28
N THR B 167 -11.84 -4.71 -14.22
CA THR B 167 -10.94 -3.57 -14.09
C THR B 167 -9.59 -4.06 -13.58
N LEU B 168 -8.64 -3.13 -13.49
CA LEU B 168 -7.32 -3.45 -12.93
C LEU B 168 -7.45 -4.01 -11.52
N ALA B 169 -8.50 -3.61 -10.77
CA ALA B 169 -8.69 -4.13 -9.42
C ALA B 169 -8.84 -5.64 -9.42
N ASP B 170 -9.54 -6.19 -10.42
CA ASP B 170 -9.71 -7.64 -10.49
C ASP B 170 -8.39 -8.34 -10.80
N LEU B 171 -7.60 -7.76 -11.73
CA LEU B 171 -6.32 -8.37 -12.07
C LEU B 171 -5.38 -8.39 -10.87
N SER B 172 -5.39 -7.31 -10.10
CA SER B 172 -4.51 -7.23 -8.93
C SER B 172 -4.94 -8.21 -7.85
N ILE B 173 -6.25 -8.31 -7.59
CA ILE B 173 -6.75 -9.13 -6.49
C ILE B 173 -6.66 -10.62 -6.83
N VAL B 174 -6.95 -10.98 -8.08
CA VAL B 174 -7.13 -12.40 -8.39
C VAL B 174 -5.85 -13.18 -8.16
N THR B 175 -4.70 -12.57 -8.43
CA THR B 175 -3.44 -13.33 -8.34
C THR B 175 -3.11 -13.63 -6.88
N THR B 176 -3.24 -12.63 -6.03
CA THR B 176 -3.02 -12.85 -4.60
C THR B 176 -4.04 -13.83 -4.03
N LEU B 177 -5.32 -13.66 -4.40
CA LEU B 177 -6.35 -14.58 -3.93
C LEU B 177 -6.03 -16.02 -4.31
N SER B 178 -5.67 -16.25 -5.59
CA SER B 178 -5.29 -17.59 -6.01
C SER B 178 -4.11 -18.12 -5.21
N THR B 179 -3.26 -17.23 -4.71
CA THR B 179 -2.12 -17.62 -3.89
C THR B 179 -2.57 -18.02 -2.49
N VAL B 180 -3.44 -17.21 -1.88
CA VAL B 180 -4.00 -17.53 -0.57
C VAL B 180 -4.87 -18.78 -0.68
N ASN B 181 -5.58 -18.93 -1.80
CA ASN B 181 -6.44 -20.08 -2.04
C ASN B 181 -5.67 -21.40 -2.07
N LEU B 182 -4.35 -21.35 -2.25
CA LEU B 182 -3.54 -22.54 -2.12
C LEU B 182 -3.71 -23.18 -0.74
N MET B 183 -3.93 -22.36 0.28
CA MET B 183 -4.02 -22.81 1.67
C MET B 183 -5.43 -22.75 2.23
N PHE B 184 -6.21 -21.73 1.87
CA PHE B 184 -7.52 -21.50 2.45
C PHE B 184 -8.59 -21.48 1.38
N PRO B 185 -9.45 -22.50 1.32
CA PRO B 185 -10.46 -22.56 0.25
C PRO B 185 -11.53 -21.48 0.39
N LEU B 186 -12.27 -21.29 -0.70
CA LEU B 186 -13.30 -20.26 -0.80
C LEU B 186 -14.71 -20.82 -0.67
N SER B 187 -14.86 -22.04 -0.14
CA SER B 187 -16.15 -22.71 -0.15
C SER B 187 -17.21 -21.96 0.66
N GLN B 188 -16.81 -21.15 1.63
CA GLN B 188 -17.76 -20.45 2.50
C GLN B 188 -18.11 -19.07 1.98
N PHE B 189 -17.69 -18.71 0.77
CA PHE B 189 -17.91 -17.37 0.23
C PHE B 189 -18.43 -17.52 -1.19
N PRO B 190 -19.76 -17.58 -1.34
CA PRO B 190 -20.31 -17.91 -2.67
C PRO B 190 -20.01 -16.86 -3.73
N ARG B 191 -20.25 -15.58 -3.43
CA ARG B 191 -19.95 -14.53 -4.40
C ARG B 191 -18.48 -14.57 -4.80
N LEU B 192 -17.59 -14.76 -3.82
CA LEU B 192 -16.15 -14.75 -4.09
C LEU B 192 -15.71 -15.99 -4.86
N ARG B 193 -16.31 -17.14 -4.58
CA ARG B 193 -15.97 -18.35 -5.32
C ARG B 193 -16.45 -18.26 -6.77
N ARG B 194 -17.62 -17.67 -6.99
CA ARG B 194 -18.13 -17.53 -8.36
C ARG B 194 -17.29 -16.54 -9.15
N TRP B 195 -16.92 -15.42 -8.53
CA TRP B 195 -16.04 -14.45 -9.18
C TRP B 195 -14.70 -15.08 -9.55
N PHE B 196 -14.12 -15.84 -8.63
CA PHE B 196 -12.82 -16.47 -8.89
C PHE B 196 -12.94 -17.48 -10.03
N THR B 197 -14.04 -18.24 -10.06
CA THR B 197 -14.24 -19.18 -11.17
C THR B 197 -14.41 -18.43 -12.49
N ALA B 198 -15.12 -17.30 -12.47
CA ALA B 198 -15.27 -16.49 -13.67
C ALA B 198 -13.93 -15.93 -14.12
N MET B 199 -13.08 -15.52 -13.16
CA MET B 199 -11.76 -15.00 -13.52
C MET B 199 -10.91 -16.06 -14.19
N GLN B 200 -11.02 -17.31 -13.73
CA GLN B 200 -10.25 -18.39 -14.33
C GLN B 200 -10.65 -18.66 -15.77
N GLN B 201 -11.82 -18.18 -16.21
CA GLN B 201 -12.27 -18.41 -17.57
C GLN B 201 -11.72 -17.40 -18.56
N LEU B 202 -11.06 -16.35 -18.09
CA LEU B 202 -10.50 -15.37 -18.99
C LEU B 202 -9.30 -15.94 -19.73
N ASP B 203 -9.15 -15.56 -21.00
CA ASP B 203 -7.94 -15.91 -21.73
C ASP B 203 -6.71 -15.42 -20.98
N ALA B 204 -6.76 -14.19 -20.47
CA ALA B 204 -5.59 -13.62 -19.80
C ALA B 204 -5.23 -14.35 -18.52
N TYR B 205 -6.17 -15.07 -17.90
CA TYR B 205 -5.85 -15.79 -16.68
C TYR B 205 -4.76 -16.82 -16.88
N GLU B 206 -4.51 -17.24 -18.12
CA GLU B 206 -3.45 -18.22 -18.36
C GLU B 206 -2.10 -17.71 -17.85
N ALA B 207 -1.90 -16.38 -17.86
CA ALA B 207 -0.65 -15.80 -17.39
C ALA B 207 -0.43 -16.02 -15.90
N ASN B 208 -1.46 -16.45 -15.16
CA ASN B 208 -1.32 -16.69 -13.73
C ASN B 208 -0.92 -18.12 -13.41
N CYS B 209 -1.21 -19.07 -14.29
CA CYS B 209 -1.10 -20.49 -13.93
C CYS B 209 0.34 -20.89 -13.62
N SER B 210 1.28 -20.54 -14.51
CA SER B 210 2.63 -21.05 -14.36
C SER B 210 3.29 -20.56 -13.08
N GLY B 211 3.14 -19.27 -12.77
CA GLY B 211 3.79 -18.74 -11.58
C GLY B 211 3.14 -19.21 -10.29
N LEU B 212 1.83 -19.42 -10.30
CA LEU B 212 1.16 -19.94 -9.10
C LEU B 212 1.70 -21.32 -8.75
N GLU B 213 1.83 -22.19 -9.75
CA GLU B 213 2.32 -23.54 -9.50
C GLU B 213 3.78 -23.53 -9.06
N LYS B 214 4.59 -22.64 -9.63
CA LYS B 214 5.98 -22.51 -9.19
C LYS B 214 6.03 -22.03 -7.74
N LEU B 215 5.18 -21.09 -7.36
CA LEU B 215 5.14 -20.66 -5.96
C LEU B 215 4.69 -21.81 -5.06
N ARG B 216 3.65 -22.54 -5.48
CA ARG B 216 3.19 -23.69 -4.71
C ARG B 216 4.36 -24.62 -4.40
N GLN B 217 5.11 -25.02 -5.43
CA GLN B 217 6.17 -25.99 -5.19
C GLN B 217 7.37 -25.39 -4.48
N THR B 218 7.67 -24.11 -4.72
CA THR B 218 8.76 -23.48 -3.97
C THR B 218 8.41 -23.36 -2.48
N MET B 219 7.18 -22.93 -2.17
CA MET B 219 6.78 -22.82 -0.77
C MET B 219 6.78 -24.18 -0.08
N GLU B 220 6.26 -25.21 -0.76
CA GLU B 220 6.21 -26.55 -0.16
C GLU B 220 7.61 -27.06 0.15
N SER B 221 8.58 -26.77 -0.72
CA SER B 221 9.94 -27.20 -0.43
C SER B 221 10.58 -26.35 0.66
N VAL B 222 10.51 -25.03 0.54
CA VAL B 222 11.13 -24.16 1.54
C VAL B 222 10.45 -24.30 2.89
N GLY B 223 9.13 -24.43 2.90
CA GLY B 223 8.39 -24.58 4.13
C GLY B 223 8.32 -25.98 4.68
N SER B 224 8.89 -26.95 3.96
CA SER B 224 8.93 -28.36 4.37
C SER B 224 7.53 -28.90 4.70
N PHE B 225 6.59 -28.60 3.81
CA PHE B 225 5.20 -29.01 4.03
C PHE B 225 4.55 -29.25 2.68
N GLN B 226 3.23 -29.48 2.71
CA GLN B 226 2.41 -29.55 1.51
C GLN B 226 1.10 -28.82 1.78
N PHE B 227 0.67 -27.99 0.82
CA PHE B 227 -0.63 -27.37 0.92
C PHE B 227 -1.72 -28.44 0.90
N PRO B 228 -2.91 -28.16 1.48
CA PRO B 228 -4.02 -29.12 1.42
C PRO B 228 -4.57 -29.32 0.00
#